data_8R32
#
_entry.id   8R32
#
_cell.length_a   98.197
_cell.length_b   100.746
_cell.length_c   48.160
_cell.angle_alpha   90.00
_cell.angle_beta   90.00
_cell.angle_gamma   90.00
#
_symmetry.space_group_name_H-M   'P 21 21 2'
#
loop_
_entity.id
_entity.type
_entity.pdbx_description
1 polymer 'Glutamate receptor ionotropic, kainate 2'
2 non-polymer 'GLUTAMIC ACID'
3 non-polymer '4-cyclopropyl-7-fluoro-3,4-dihydro-2H-1,2,4-benzothiadiazine 1,1-dioxide'
4 non-polymer 'CHLORIDE ION'
5 non-polymer 'SODIUM ION'
6 water water
#
_entity_poly.entity_id   1
_entity_poly.type   'polypeptide(L)'
_entity_poly.pdbx_seq_one_letter_code
;GSNRSLIVTTILEEPYVLFKKSDKPLYGNDRFEGYCIDLLRELSTILGFTYEIRLVEDGKYGAQDDVNGQWNGMVRELID
HKADLAVAPLAITYVREKVIDFSKPFMTLGISILYRKGTPIDSADDLAKQTKIEYGAVEDGATMTFFKKSKISTYDKMWA
FMSSRRQSVLVKSNEEGIQRVLTSDYAFLMESTTIEFVTQRNCNLTQIGGLIDSKGYGVGTPMGSPYRDKITIAILQLQE
EGKLHMMKEKWWRGNGCP
;
_entity_poly.pdbx_strand_id   A,B
#
loop_
_chem_comp.id
_chem_comp.type
_chem_comp.name
_chem_comp.formula
2J9 non-polymer '4-cyclopropyl-7-fluoro-3,4-dihydro-2H-1,2,4-benzothiadiazine 1,1-dioxide' 'C10 H11 F N2 O2 S'
CL non-polymer 'CHLORIDE ION' 'Cl -1'
NA non-polymer 'SODIUM ION' 'Na 1'
#
# COMPACT_ATOMS: atom_id res chain seq x y z
N ASN A 3 12.05 -10.54 -20.45
CA ASN A 3 13.00 -9.76 -19.66
C ASN A 3 12.27 -9.12 -18.46
N ARG A 4 12.95 -9.07 -17.32
CA ARG A 4 12.32 -8.67 -16.08
C ARG A 4 11.81 -7.22 -16.16
N SER A 5 10.59 -7.01 -15.64
CA SER A 5 10.09 -5.65 -15.48
C SER A 5 10.84 -4.94 -14.36
N LEU A 6 11.27 -3.71 -14.63
CA LEU A 6 11.95 -2.94 -13.60
C LEU A 6 10.98 -2.45 -12.54
N ILE A 7 11.42 -2.52 -11.29
CA ILE A 7 10.66 -1.96 -10.16
CA ILE A 7 10.67 -1.97 -10.16
C ILE A 7 11.09 -0.51 -10.01
N VAL A 8 10.12 0.41 -10.07
CA VAL A 8 10.39 1.83 -9.99
C VAL A 8 9.77 2.37 -8.71
N THR A 9 10.60 2.86 -7.79
CA THR A 9 10.12 3.53 -6.59
C THR A 9 9.91 5.01 -6.92
N THR A 10 8.87 5.57 -6.32
CA THR A 10 8.57 6.98 -6.50
C THR A 10 7.78 7.43 -5.29
N ILE A 11 7.36 8.69 -5.31
CA ILE A 11 6.70 9.31 -4.17
C ILE A 11 5.66 10.28 -4.70
N LEU A 12 4.57 10.46 -3.95
CA LEU A 12 3.55 11.41 -4.34
C LEU A 12 4.08 12.82 -4.10
N GLU A 13 4.08 13.64 -5.14
CA GLU A 13 4.57 15.02 -5.06
C GLU A 13 4.11 15.78 -6.30
N GLU A 14 3.15 16.69 -6.15
CA GLU A 14 2.66 17.46 -7.29
C GLU A 14 3.74 18.46 -7.73
N PRO A 15 3.95 18.65 -9.02
CA PRO A 15 3.30 18.04 -10.18
C PRO A 15 4.12 16.91 -10.79
N TYR A 16 5.03 16.32 -10.03
CA TYR A 16 5.92 15.25 -10.51
C TYR A 16 5.19 13.90 -10.57
N VAL A 17 4.45 13.57 -9.50
CA VAL A 17 3.75 12.30 -9.37
C VAL A 17 2.45 12.54 -8.62
N LEU A 18 1.32 12.18 -9.23
CA LEU A 18 0.02 12.31 -8.59
C LEU A 18 -0.83 11.10 -8.95
N PHE A 19 -1.81 10.80 -8.10
CA PHE A 19 -2.88 9.90 -8.52
C PHE A 19 -3.76 10.63 -9.51
N LYS A 20 -4.03 9.99 -10.65
CA LYS A 20 -5.05 10.48 -11.56
C LYS A 20 -6.37 10.61 -10.82
N LYS A 21 -7.13 11.63 -11.17
CA LYS A 21 -8.46 11.82 -10.61
C LYS A 21 -9.47 11.17 -11.55
N SER A 22 -10.31 10.31 -11.01
CA SER A 22 -11.25 9.53 -11.81
C SER A 22 -12.34 8.91 -10.94
N LEU A 26 -9.04 2.36 -11.59
CA LEU A 26 -7.70 2.52 -12.17
C LEU A 26 -6.71 1.58 -11.48
N TYR A 27 -5.88 0.91 -12.27
CA TYR A 27 -5.02 -0.15 -11.77
C TYR A 27 -3.61 -0.01 -12.30
N GLY A 28 -2.66 -0.53 -11.51
CA GLY A 28 -1.30 -0.62 -11.98
C GLY A 28 -0.71 0.74 -12.27
N ASN A 29 0.12 0.81 -13.31
CA ASN A 29 0.78 2.07 -13.65
C ASN A 29 -0.21 3.11 -14.12
N ASP A 30 -1.38 2.69 -14.59
CA ASP A 30 -2.37 3.64 -15.09
C ASP A 30 -2.96 4.51 -13.98
N ARG A 31 -2.68 4.21 -12.72
CA ARG A 31 -3.13 5.04 -11.61
C ARG A 31 -2.47 6.41 -11.58
N PHE A 32 -1.30 6.58 -12.19
CA PHE A 32 -0.47 7.72 -11.92
C PHE A 32 -0.30 8.65 -13.12
N GLU A 33 -0.06 9.93 -12.84
CA GLU A 33 0.28 10.91 -13.84
C GLU A 33 1.25 11.92 -13.24
N GLY A 34 1.87 12.71 -14.11
CA GLY A 34 2.74 13.79 -13.69
C GLY A 34 4.01 13.82 -14.50
N TYR A 35 4.81 14.85 -14.23
CA TYR A 35 6.06 15.05 -14.97
C TYR A 35 6.93 13.80 -14.92
N CYS A 36 7.06 13.18 -13.73
CA CYS A 36 8.07 12.14 -13.55
C CYS A 36 7.49 10.84 -14.17
N ILE A 37 6.15 10.72 -14.20
CA ILE A 37 5.49 9.60 -14.86
C ILE A 37 5.67 9.70 -16.37
N ASP A 38 5.57 10.91 -16.93
CA ASP A 38 5.84 11.12 -18.34
C ASP A 38 7.30 10.82 -18.65
N LEU A 39 8.22 11.26 -17.78
CA LEU A 39 9.64 10.98 -18.01
C LEU A 39 9.88 9.48 -18.02
N LEU A 40 9.30 8.78 -17.03
CA LEU A 40 9.47 7.34 -16.96
C LEU A 40 8.94 6.65 -18.21
N ARG A 41 7.78 7.06 -18.69
CA ARG A 41 7.22 6.41 -19.89
C ARG A 41 8.14 6.63 -21.08
N GLU A 42 8.64 7.86 -21.25
CA GLU A 42 9.56 8.15 -22.34
CA GLU A 42 9.56 8.15 -22.34
C GLU A 42 10.81 7.30 -22.24
N LEU A 43 11.38 7.18 -21.04
CA LEU A 43 12.56 6.37 -20.83
C LEU A 43 12.28 4.91 -21.22
N SER A 44 11.09 4.42 -20.87
CA SER A 44 10.76 3.03 -21.13
C SER A 44 10.65 2.73 -22.62
N THR A 45 10.19 3.69 -23.42
CA THR A 45 10.10 3.44 -24.85
C THR A 45 11.44 3.68 -25.54
N ILE A 46 12.24 4.61 -25.02
CA ILE A 46 13.56 4.85 -25.61
C ILE A 46 14.48 3.66 -25.37
N LEU A 47 14.48 3.15 -24.14
CA LEU A 47 15.41 2.10 -23.71
C LEU A 47 14.83 0.69 -23.82
N GLY A 48 13.50 0.57 -23.95
CA GLY A 48 12.88 -0.72 -24.18
C GLY A 48 12.73 -1.61 -22.97
N PHE A 49 12.18 -1.08 -21.89
CA PHE A 49 11.91 -1.90 -20.71
C PHE A 49 10.45 -1.79 -20.31
N THR A 50 9.98 -2.79 -19.55
CA THR A 50 8.70 -2.74 -18.89
C THR A 50 8.96 -2.42 -17.43
N TYR A 51 7.94 -1.98 -16.73
CA TYR A 51 8.19 -1.51 -15.37
C TYR A 51 6.91 -1.55 -14.56
N GLU A 52 7.08 -1.49 -13.24
CA GLU A 52 6.00 -1.48 -12.26
C GLU A 52 6.30 -0.36 -11.28
N ILE A 53 5.40 0.62 -11.21
CA ILE A 53 5.55 1.73 -10.29
C ILE A 53 5.10 1.29 -8.90
N ARG A 54 5.90 1.60 -7.89
CA ARG A 54 5.61 1.29 -6.50
C ARG A 54 5.91 2.52 -5.64
N LEU A 55 4.90 3.08 -4.98
CA LEU A 55 5.15 4.20 -4.09
C LEU A 55 5.96 3.71 -2.89
N VAL A 56 6.94 4.53 -2.50
CA VAL A 56 7.81 4.17 -1.38
C VAL A 56 6.96 4.02 -0.12
N GLU A 57 7.15 2.89 0.57
CA GLU A 57 6.25 2.50 1.64
C GLU A 57 6.24 3.52 2.78
N ASP A 58 7.41 4.08 3.12
CA ASP A 58 7.47 4.98 4.27
C ASP A 58 7.28 6.44 3.91
N GLY A 59 6.99 6.74 2.65
CA GLY A 59 6.65 8.09 2.26
C GLY A 59 7.78 9.08 2.35
N LYS A 60 9.03 8.60 2.38
CA LYS A 60 10.19 9.46 2.54
C LYS A 60 11.12 9.45 1.34
N TYR A 61 11.85 10.56 1.22
CA TYR A 61 12.85 10.68 0.17
C TYR A 61 14.10 9.89 0.55
N GLY A 62 14.70 10.25 1.68
CA GLY A 62 15.75 9.42 2.26
C GLY A 62 16.86 10.19 2.94
N ALA A 63 17.20 9.75 4.14
CA ALA A 63 18.32 10.27 4.91
C ALA A 63 18.86 9.16 5.79
N GLN A 64 20.08 9.36 6.26
CA GLN A 64 20.77 8.37 7.08
C GLN A 64 20.59 8.68 8.56
N ASP A 65 20.20 7.68 9.34
CA ASP A 65 20.02 7.89 10.77
C ASP A 65 21.36 8.09 11.45
N ASP A 66 21.43 9.08 12.34
CA ASP A 66 22.69 9.37 13.01
C ASP A 66 23.01 8.41 14.15
N VAL A 67 22.07 7.59 14.60
CA VAL A 67 22.35 6.64 15.67
C VAL A 67 22.77 5.29 15.12
N ASN A 68 22.00 4.74 14.18
CA ASN A 68 22.25 3.37 13.73
C ASN A 68 22.73 3.27 12.28
N GLY A 69 22.84 4.38 11.56
CA GLY A 69 23.37 4.37 10.22
C GLY A 69 22.45 3.83 9.14
N GLN A 70 21.22 3.50 9.49
CA GLN A 70 20.26 3.04 8.49
C GLN A 70 19.68 4.20 7.69
N TRP A 71 19.53 3.97 6.39
CA TRP A 71 18.81 4.89 5.53
C TRP A 71 17.31 4.56 5.51
N ASN A 72 16.52 5.54 5.10
CA ASN A 72 15.10 5.36 4.88
C ASN A 72 14.71 5.85 3.49
N GLY A 73 13.42 5.84 3.19
CA GLY A 73 12.90 6.36 1.95
C GLY A 73 13.33 5.66 0.68
N MET A 74 13.17 6.38 -0.44
CA MET A 74 13.58 5.82 -1.72
C MET A 74 15.06 5.48 -1.76
N VAL A 75 15.89 6.25 -1.06
CA VAL A 75 17.32 5.94 -1.08
C VAL A 75 17.55 4.54 -0.50
N ARG A 76 16.88 4.23 0.61
CA ARG A 76 17.01 2.91 1.22
C ARG A 76 16.53 1.82 0.29
N GLU A 77 15.44 2.08 -0.46
CA GLU A 77 14.97 1.07 -1.41
C GLU A 77 16.05 0.72 -2.43
N LEU A 78 16.81 1.73 -2.88
CA LEU A 78 17.87 1.48 -3.85
C LEU A 78 19.08 0.81 -3.21
N ILE A 79 19.47 1.24 -2.00
CA ILE A 79 20.59 0.61 -1.29
C ILE A 79 20.33 -0.87 -1.12
N ASP A 80 19.10 -1.25 -0.80
CA ASP A 80 18.74 -2.64 -0.59
C ASP A 80 18.44 -3.39 -1.87
N HIS A 81 18.57 -2.71 -3.03
CA HIS A 81 18.24 -3.30 -4.34
C HIS A 81 16.81 -3.85 -4.35
N LYS A 82 15.89 -3.13 -3.69
CA LYS A 82 14.47 -3.45 -3.75
C LYS A 82 13.78 -2.78 -4.93
N ALA A 83 14.41 -1.78 -5.51
CA ALA A 83 13.95 -1.13 -6.72
C ALA A 83 15.11 -0.96 -7.70
N ASP A 84 14.79 -1.03 -8.99
CA ASP A 84 15.77 -0.77 -10.05
C ASP A 84 16.04 0.72 -10.23
N LEU A 85 15.00 1.53 -10.20
CA LEU A 85 15.06 2.95 -10.45
C LEU A 85 14.22 3.68 -9.42
N ALA A 86 14.65 4.90 -9.09
CA ALA A 86 13.82 5.90 -8.43
C ALA A 86 13.59 7.01 -9.44
N VAL A 87 12.36 7.15 -9.90
CA VAL A 87 12.02 8.21 -10.85
C VAL A 87 11.08 9.14 -10.10
N ALA A 88 11.64 10.27 -9.66
CA ALA A 88 11.02 11.15 -8.68
C ALA A 88 11.80 12.44 -8.63
N PRO A 89 11.30 13.46 -7.93
CA PRO A 89 12.11 14.65 -7.68
C PRO A 89 13.16 14.36 -6.63
N LEU A 90 14.12 13.48 -6.97
CA LEU A 90 15.14 12.99 -6.06
C LEU A 90 16.41 13.81 -6.28
N ALA A 91 16.76 14.63 -5.31
CA ALA A 91 17.91 15.51 -5.44
C ALA A 91 19.21 14.73 -5.38
N ILE A 92 20.10 15.05 -6.34
CA ILE A 92 21.49 14.60 -6.34
C ILE A 92 22.24 15.33 -5.22
N THR A 93 22.86 14.55 -4.33
CA THR A 93 23.61 15.11 -3.23
C THR A 93 24.85 14.25 -2.98
N TYR A 94 25.86 14.86 -2.33
CA TYR A 94 27.12 14.17 -2.03
CA TYR A 94 27.10 14.13 -2.09
C TYR A 94 26.90 12.97 -1.12
N VAL A 95 26.04 13.12 -0.10
CA VAL A 95 25.88 12.00 0.81
C VAL A 95 25.18 10.85 0.10
N ARG A 96 24.26 11.15 -0.82
CA ARG A 96 23.57 10.09 -1.52
C ARG A 96 24.45 9.43 -2.58
N GLU A 97 25.25 10.20 -3.32
CA GLU A 97 26.11 9.57 -4.33
C GLU A 97 27.14 8.63 -3.71
N LYS A 98 27.41 8.76 -2.41
CA LYS A 98 28.31 7.81 -1.78
C LYS A 98 27.69 6.44 -1.60
N VAL A 99 26.37 6.33 -1.66
CA VAL A 99 25.67 5.08 -1.41
C VAL A 99 24.80 4.57 -2.56
N ILE A 100 24.31 5.44 -3.44
CA ILE A 100 23.53 5.06 -4.63
C ILE A 100 24.14 5.78 -5.82
N ASP A 101 23.64 5.50 -7.02
CA ASP A 101 24.05 6.26 -8.20
C ASP A 101 22.89 7.08 -8.74
N PHE A 102 23.22 8.16 -9.44
CA PHE A 102 22.22 8.98 -10.11
C PHE A 102 22.59 9.09 -11.59
N SER A 103 21.58 9.10 -12.45
CA SER A 103 21.77 9.61 -13.79
C SER A 103 22.23 11.07 -13.78
N LYS A 104 22.66 11.56 -14.93
CA LYS A 104 22.81 12.99 -15.10
C LYS A 104 21.45 13.67 -14.84
N PRO A 105 21.46 14.93 -14.41
CA PRO A 105 20.19 15.56 -14.01
C PRO A 105 19.23 15.78 -15.18
N PHE A 106 17.92 15.66 -14.89
CA PHE A 106 16.88 16.03 -15.84
C PHE A 106 16.21 17.37 -15.52
N MET A 107 16.53 17.97 -14.37
CA MET A 107 15.95 19.26 -13.99
C MET A 107 16.90 19.89 -12.97
N THR A 108 17.10 21.20 -13.08
CA THR A 108 17.89 21.94 -12.11
C THR A 108 17.01 22.49 -11.00
N LEU A 109 17.59 22.64 -9.81
CA LEU A 109 16.89 23.31 -8.71
C LEU A 109 17.89 23.79 -7.67
N GLY A 110 17.40 24.63 -6.77
CA GLY A 110 18.14 24.96 -5.58
C GLY A 110 17.18 25.13 -4.42
N ILE A 111 17.71 25.00 -3.20
CA ILE A 111 16.93 25.29 -2.02
C ILE A 111 16.60 26.78 -2.00
N SER A 112 15.37 27.09 -1.62
CA SER A 112 14.99 28.48 -1.35
C SER A 112 13.91 28.49 -0.27
N ILE A 113 13.24 29.62 -0.13
CA ILE A 113 12.31 29.87 0.98
C ILE A 113 10.94 30.16 0.42
N LEU A 114 9.92 29.48 0.97
CA LEU A 114 8.52 29.75 0.67
C LEU A 114 7.90 30.50 1.85
N TYR A 115 7.26 31.64 1.59
CA TYR A 115 6.63 32.43 2.63
C TYR A 115 5.46 33.22 2.04
N ARG A 116 4.85 34.05 2.87
CA ARG A 116 3.77 34.90 2.41
CA ARG A 116 3.78 34.91 2.42
C ARG A 116 4.35 36.14 1.73
N LYS A 117 3.51 36.83 0.96
CA LYS A 117 3.93 38.03 0.25
C LYS A 117 3.85 39.26 1.15
N GLY A 118 4.63 40.27 0.76
CA GLY A 118 4.52 41.60 1.31
C GLY A 118 5.19 41.82 2.65
N THR A 119 6.07 40.92 3.07
CA THR A 119 6.70 41.05 4.39
C THR A 119 8.09 41.63 4.27
N PRO A 120 8.71 41.98 5.40
CA PRO A 120 10.10 42.47 5.37
C PRO A 120 11.14 41.38 5.27
N ILE A 121 10.76 40.10 5.32
CA ILE A 121 11.75 39.03 5.24
C ILE A 121 12.22 38.90 3.80
N ASP A 122 13.54 38.97 3.61
CA ASP A 122 14.06 38.98 2.26
C ASP A 122 15.17 37.96 2.02
N SER A 123 15.57 37.20 3.04
CA SER A 123 16.67 36.24 2.89
C SER A 123 16.67 35.25 4.02
N ALA A 124 17.50 34.21 3.87
CA ALA A 124 17.70 33.27 4.98
C ALA A 124 18.30 33.96 6.20
N ASP A 125 19.22 34.90 5.98
CA ASP A 125 19.83 35.62 7.09
C ASP A 125 18.77 36.30 7.94
N ASP A 126 17.77 36.91 7.29
CA ASP A 126 16.67 37.51 8.04
C ASP A 126 15.96 36.50 8.92
N LEU A 127 15.76 35.29 8.42
CA LEU A 127 15.12 34.28 9.23
C LEU A 127 16.02 33.85 10.37
N ALA A 128 17.32 33.68 10.08
CA ALA A 128 18.25 33.14 11.06
C ALA A 128 18.40 34.04 12.26
N LYS A 129 18.24 35.35 12.08
CA LYS A 129 18.48 36.32 13.13
C LYS A 129 17.27 36.53 14.04
N GLN A 130 16.20 35.76 13.87
CA GLN A 130 14.98 35.93 14.65
C GLN A 130 14.38 34.57 14.96
N THR A 131 13.35 34.57 15.81
CA THR A 131 12.66 33.32 16.16
C THR A 131 11.15 33.44 16.16
N LYS A 132 10.58 34.63 15.95
CA LYS A 132 9.14 34.78 15.98
C LYS A 132 8.51 34.04 14.80
N ILE A 133 9.14 34.13 13.63
CA ILE A 133 8.74 33.37 12.45
C ILE A 133 9.49 32.05 12.54
N GLU A 134 8.75 30.96 12.71
CA GLU A 134 9.38 29.65 12.71
C GLU A 134 9.68 29.22 11.27
N TYR A 135 10.57 28.25 11.13
CA TYR A 135 10.94 27.77 9.81
C TYR A 135 11.45 26.34 9.92
N GLY A 136 11.35 25.63 8.81
CA GLY A 136 11.69 24.21 8.81
C GLY A 136 11.70 23.67 7.40
N ALA A 137 11.68 22.33 7.31
CA ALA A 137 11.93 21.62 6.06
C ALA A 137 11.27 20.26 6.16
N VAL A 138 11.22 19.54 5.03
CA VAL A 138 10.73 18.17 5.03
C VAL A 138 11.70 17.28 5.79
N GLU A 139 11.17 16.51 6.73
CA GLU A 139 12.00 15.59 7.50
C GLU A 139 12.56 14.52 6.55
N ASP A 140 13.84 14.24 6.71
CA ASP A 140 14.54 13.13 6.04
C ASP A 140 14.57 13.31 4.53
N GLY A 141 14.64 14.56 4.10
CA GLY A 141 14.91 14.93 2.74
C GLY A 141 16.24 15.66 2.59
N ALA A 142 16.51 16.04 1.33
CA ALA A 142 17.80 16.64 1.01
C ALA A 142 17.97 18.04 1.60
N THR A 143 16.89 18.81 1.70
CA THR A 143 16.99 20.14 2.29
C THR A 143 17.36 20.03 3.76
N MET A 144 16.66 19.17 4.50
CA MET A 144 17.01 18.95 5.90
CA MET A 144 17.00 18.95 5.89
C MET A 144 18.47 18.57 6.04
N THR A 145 18.92 17.62 5.21
CA THR A 145 20.29 17.13 5.31
C THR A 145 21.29 18.23 4.94
N PHE A 146 20.93 19.10 4.01
CA PHE A 146 21.80 20.24 3.71
C PHE A 146 22.02 21.10 4.95
N PHE A 147 20.96 21.44 5.66
CA PHE A 147 21.12 22.27 6.85
C PHE A 147 21.85 21.51 7.94
N LYS A 148 21.53 20.23 8.13
CA LYS A 148 22.17 19.44 9.17
C LYS A 148 23.68 19.37 8.99
N LYS A 149 24.14 19.36 7.75
CA LYS A 149 25.57 19.20 7.48
C LYS A 149 26.29 20.51 7.21
N SER A 150 25.59 21.64 7.13
CA SER A 150 26.23 22.86 6.66
C SER A 150 27.19 23.44 7.69
N LYS A 151 28.33 23.91 7.19
CA LYS A 151 29.28 24.68 7.99
C LYS A 151 29.22 26.16 7.64
N ILE A 152 28.24 26.57 6.85
CA ILE A 152 28.02 27.98 6.55
C ILE A 152 27.27 28.60 7.71
N SER A 153 27.80 29.69 8.26
CA SER A 153 27.27 30.25 9.51
C SER A 153 25.75 30.39 9.53
N THR A 154 25.18 31.05 8.52
CA THR A 154 23.75 31.27 8.51
C THR A 154 22.99 29.96 8.60
N TYR A 155 23.43 28.96 7.83
CA TYR A 155 22.68 27.71 7.74
C TYR A 155 22.94 26.83 8.95
N ASP A 156 24.12 26.93 9.56
CA ASP A 156 24.37 26.24 10.82
C ASP A 156 23.46 26.78 11.93
N LYS A 157 23.26 28.10 11.98
CA LYS A 157 22.38 28.68 12.98
C LYS A 157 20.94 28.25 12.74
N MET A 158 20.55 28.15 11.48
CA MET A 158 19.19 27.75 11.11
C MET A 158 18.98 26.29 11.49
N TRP A 159 20.01 25.44 11.31
CA TRP A 159 19.84 24.04 11.71
C TRP A 159 19.72 23.93 13.23
N ALA A 160 20.50 24.72 13.98
CA ALA A 160 20.38 24.68 15.43
C ALA A 160 18.96 25.01 15.84
N PHE A 161 18.33 25.97 15.14
CA PHE A 161 16.95 26.31 15.45
C PHE A 161 16.00 25.18 15.08
N MET A 162 16.11 24.62 13.86
CA MET A 162 15.17 23.58 13.49
C MET A 162 15.35 22.33 14.36
N SER A 163 16.60 21.95 14.67
CA SER A 163 16.81 20.73 15.45
CA SER A 163 16.82 20.74 15.45
C SER A 163 16.22 20.86 16.85
N SER A 164 16.30 22.06 17.43
CA SER A 164 15.75 22.25 18.77
C SER A 164 14.22 22.26 18.78
N ARG A 165 13.58 22.52 17.64
CA ARG A 165 12.13 22.48 17.53
C ARG A 165 11.70 21.39 16.55
N ARG A 166 12.45 20.31 16.46
CA ARG A 166 12.24 19.35 15.37
C ARG A 166 10.81 18.84 15.35
N GLN A 167 10.25 18.53 16.52
CA GLN A 167 8.91 17.96 16.57
C GLN A 167 7.91 18.87 15.88
N SER A 168 8.09 20.18 16.00
CA SER A 168 7.13 21.14 15.48
C SER A 168 7.46 21.70 14.10
N VAL A 169 8.73 21.86 13.71
CA VAL A 169 9.04 22.58 12.49
C VAL A 169 9.49 21.70 11.33
N LEU A 170 9.87 20.44 11.57
CA LEU A 170 10.14 19.55 10.46
C LEU A 170 8.85 18.81 10.13
N VAL A 171 8.47 18.80 8.86
CA VAL A 171 7.17 18.30 8.44
C VAL A 171 7.36 17.01 7.65
N LYS A 172 6.25 16.30 7.47
CA LYS A 172 6.34 15.00 6.81
C LYS A 172 6.36 15.10 5.29
N SER A 173 5.93 16.23 4.72
CA SER A 173 5.77 16.34 3.28
C SER A 173 5.82 17.80 2.87
N ASN A 174 6.06 18.03 1.58
CA ASN A 174 5.97 19.40 1.09
C ASN A 174 4.58 19.98 1.30
N GLU A 175 3.55 19.17 1.05
CA GLU A 175 2.17 19.61 1.28
C GLU A 175 1.98 20.10 2.70
N GLU A 176 2.53 19.38 3.68
CA GLU A 176 2.35 19.82 5.06
C GLU A 176 3.08 21.15 5.29
N GLY A 177 4.28 21.31 4.70
CA GLY A 177 4.99 22.56 4.87
C GLY A 177 4.26 23.73 4.24
N ILE A 178 3.67 23.52 3.07
CA ILE A 178 2.92 24.58 2.43
C ILE A 178 1.73 24.96 3.29
N GLN A 179 1.02 23.98 3.83
CA GLN A 179 -0.14 24.28 4.65
C GLN A 179 0.28 25.01 5.92
N ARG A 180 1.47 24.68 6.45
CA ARG A 180 1.94 25.38 7.65
C ARG A 180 2.22 26.85 7.35
N VAL A 181 2.76 27.16 6.16
CA VAL A 181 2.92 28.56 5.77
C VAL A 181 1.59 29.29 5.77
N LEU A 182 0.54 28.63 5.29
CA LEU A 182 -0.77 29.24 5.15
C LEU A 182 -1.52 29.37 6.46
N THR A 183 -1.17 28.60 7.49
CA THR A 183 -1.96 28.55 8.70
C THR A 183 -1.20 29.01 9.94
N SER A 184 0.06 29.40 9.80
CA SER A 184 0.86 29.79 10.95
C SER A 184 1.95 30.72 10.44
N ASP A 185 2.64 31.38 11.37
CA ASP A 185 3.75 32.27 10.98
C ASP A 185 4.99 31.40 10.82
N TYR A 186 5.16 30.92 9.60
CA TYR A 186 6.13 29.87 9.29
C TYR A 186 6.62 30.11 7.87
N ALA A 187 7.93 30.01 7.69
CA ALA A 187 8.59 30.00 6.39
C ALA A 187 9.15 28.61 6.12
N PHE A 188 8.97 28.13 4.91
CA PHE A 188 9.27 26.74 4.58
C PHE A 188 10.47 26.68 3.62
N LEU A 189 11.50 25.93 4.02
CA LEU A 189 12.68 25.73 3.21
C LEU A 189 12.39 24.57 2.27
N MET A 190 12.41 24.84 0.97
CA MET A 190 11.96 23.87 -0.02
C MET A 190 12.60 24.17 -1.35
N GLU A 191 12.43 23.25 -2.27
CA GLU A 191 13.15 23.34 -3.54
C GLU A 191 12.45 24.28 -4.51
N SER A 192 13.26 25.02 -5.27
CA SER A 192 12.77 26.11 -6.12
C SER A 192 11.81 25.67 -7.20
N THR A 193 12.01 24.48 -7.76
CA THR A 193 11.09 23.89 -8.74
C THR A 193 9.69 23.77 -8.18
N THR A 194 9.59 23.22 -6.98
CA THR A 194 8.28 23.04 -6.35
C THR A 194 7.72 24.40 -5.91
N ILE A 195 8.58 25.33 -5.48
CA ILE A 195 8.12 26.69 -5.18
C ILE A 195 7.49 27.31 -6.42
N GLU A 196 8.13 27.16 -7.58
CA GLU A 196 7.58 27.73 -8.80
C GLU A 196 6.17 27.20 -9.05
N PHE A 197 5.96 25.91 -8.85
CA PHE A 197 4.63 25.34 -9.08
C PHE A 197 3.62 25.92 -8.10
N VAL A 198 3.99 25.95 -6.81
CA VAL A 198 3.09 26.40 -5.76
C VAL A 198 2.70 27.86 -5.96
N THR A 199 3.69 28.70 -6.31
CA THR A 199 3.43 30.14 -6.35
C THR A 199 2.66 30.58 -7.59
N GLN A 200 2.62 29.77 -8.65
CA GLN A 200 1.77 30.15 -9.78
C GLN A 200 0.32 29.72 -9.57
N ARG A 201 0.05 28.96 -8.53
CA ARG A 201 -1.29 28.48 -8.20
C ARG A 201 -1.87 29.14 -6.96
N ASN A 202 -1.03 29.52 -6.02
CA ASN A 202 -1.50 30.16 -4.80
C ASN A 202 -0.87 31.55 -4.71
N CYS A 203 -1.68 32.56 -4.96
CA CYS A 203 -1.14 33.91 -5.04
C CYS A 203 -0.86 34.51 -3.66
N ASN A 204 -1.13 33.76 -2.58
CA ASN A 204 -0.71 34.22 -1.26
C ASN A 204 0.75 33.93 -0.97
N LEU A 205 1.43 33.15 -1.82
CA LEU A 205 2.75 32.60 -1.50
C LEU A 205 3.81 33.10 -2.48
N THR A 206 5.05 33.18 -2.00
CA THR A 206 6.17 33.65 -2.80
C THR A 206 7.48 33.00 -2.37
N GLN A 207 8.44 32.99 -3.30
CA GLN A 207 9.82 32.70 -2.97
C GLN A 207 10.42 33.93 -2.29
N ILE A 208 11.20 33.69 -1.24
CA ILE A 208 11.95 34.70 -0.53
C ILE A 208 13.43 34.51 -0.87
N GLY A 209 14.08 35.56 -1.34
CA GLY A 209 15.49 35.46 -1.63
C GLY A 209 15.77 34.63 -2.87
N GLY A 210 17.05 34.30 -3.01
CA GLY A 210 17.53 33.56 -4.15
C GLY A 210 17.65 32.10 -3.85
N LEU A 211 18.43 31.40 -4.67
CA LEU A 211 18.72 29.99 -4.48
C LEU A 211 19.92 29.85 -3.54
N ILE A 212 19.78 28.98 -2.55
CA ILE A 212 20.77 28.78 -1.52
C ILE A 212 21.85 27.79 -1.95
N ASP A 213 21.52 26.85 -2.84
CA ASP A 213 22.49 25.96 -3.43
C ASP A 213 22.09 25.73 -4.88
N SER A 214 22.83 24.84 -5.55
CA SER A 214 22.62 24.59 -6.97
C SER A 214 22.82 23.10 -7.20
N LYS A 215 21.75 22.38 -7.54
CA LYS A 215 21.86 20.95 -7.79
C LYS A 215 20.81 20.56 -8.82
N GLY A 216 20.46 19.28 -8.86
CA GLY A 216 19.46 18.82 -9.80
C GLY A 216 18.81 17.55 -9.32
N TYR A 217 17.74 17.17 -10.02
CA TYR A 217 17.10 15.88 -9.84
C TYR A 217 17.68 14.91 -10.84
N GLY A 218 17.96 13.69 -10.39
CA GLY A 218 18.36 12.63 -11.28
C GLY A 218 17.61 11.36 -10.95
N VAL A 219 17.61 10.43 -11.89
CA VAL A 219 17.05 9.11 -11.65
C VAL A 219 18.05 8.34 -10.81
N GLY A 220 17.57 7.82 -9.69
CA GLY A 220 18.39 7.03 -8.80
C GLY A 220 18.41 5.57 -9.22
N THR A 221 19.56 4.94 -9.03
CA THR A 221 19.71 3.51 -9.20
C THR A 221 20.54 2.94 -8.07
N PRO A 222 20.47 1.64 -7.82
CA PRO A 222 21.47 1.03 -6.93
C PRO A 222 22.87 1.30 -7.48
N MET A 223 23.84 1.42 -6.58
CA MET A 223 25.20 1.69 -7.03
CA MET A 223 25.20 1.69 -7.03
C MET A 223 25.66 0.58 -7.96
N GLY A 224 26.27 0.98 -9.08
CA GLY A 224 26.79 0.01 -10.03
C GLY A 224 25.82 -0.45 -11.09
N SER A 225 24.58 -0.01 -11.05
CA SER A 225 23.60 -0.49 -12.02
C SER A 225 23.99 -0.08 -13.44
N PRO A 226 23.81 -0.98 -14.41
CA PRO A 226 24.06 -0.58 -15.80
C PRO A 226 23.01 0.37 -16.36
N TYR A 227 21.84 0.46 -15.71
CA TYR A 227 20.81 1.36 -16.19
C TYR A 227 21.19 2.82 -16.00
N ARG A 228 22.11 3.15 -15.09
CA ARG A 228 22.39 4.55 -14.84
C ARG A 228 22.92 5.23 -16.09
N ASP A 229 23.94 4.62 -16.74
CA ASP A 229 24.47 5.25 -17.94
C ASP A 229 23.45 5.28 -19.08
N LYS A 230 22.67 4.22 -19.27
CA LYS A 230 21.66 4.22 -20.30
C LYS A 230 20.65 5.34 -20.09
N ILE A 231 20.20 5.51 -18.85
CA ILE A 231 19.22 6.55 -18.57
C ILE A 231 19.84 7.93 -18.76
N THR A 232 21.09 8.11 -18.35
CA THR A 232 21.78 9.37 -18.62
C THR A 232 21.71 9.72 -20.10
N ILE A 233 22.10 8.78 -20.97
CA ILE A 233 22.14 9.08 -22.40
C ILE A 233 20.74 9.44 -22.90
N ALA A 234 19.71 8.71 -22.45
CA ALA A 234 18.35 9.04 -22.85
C ALA A 234 17.93 10.43 -22.35
N ILE A 235 18.27 10.77 -21.11
CA ILE A 235 17.92 12.09 -20.59
C ILE A 235 18.60 13.18 -21.40
N LEU A 236 19.89 13.00 -21.71
CA LEU A 236 20.60 14.03 -22.44
C LEU A 236 19.99 14.25 -23.81
N GLN A 237 19.52 13.17 -24.45
CA GLN A 237 18.85 13.25 -25.74
CA GLN A 237 18.88 13.31 -25.74
C GLN A 237 17.54 14.02 -25.63
N LEU A 238 16.74 13.69 -24.62
CA LEU A 238 15.47 14.39 -24.40
C LEU A 238 15.69 15.87 -24.16
N GLN A 239 16.74 16.21 -23.42
CA GLN A 239 17.08 17.61 -23.20
C GLN A 239 17.40 18.29 -24.51
N GLU A 240 18.33 17.69 -25.27
CA GLU A 240 18.83 18.33 -26.49
CA GLU A 240 18.82 18.33 -26.48
C GLU A 240 17.71 18.50 -27.52
N GLU A 241 16.78 17.54 -27.57
CA GLU A 241 15.69 17.58 -28.53
C GLU A 241 14.61 18.57 -28.14
N GLY A 242 14.69 19.15 -26.94
CA GLY A 242 13.71 20.11 -26.50
C GLY A 242 12.54 19.49 -25.78
N LYS A 243 12.58 18.18 -25.57
N LYS A 243 12.57 18.19 -25.57
CA LYS A 243 11.43 17.48 -25.00
CA LYS A 243 11.42 17.49 -25.01
C LYS A 243 11.32 17.66 -23.50
C LYS A 243 11.32 17.66 -23.50
N LEU A 244 12.44 17.73 -22.78
CA LEU A 244 12.37 17.98 -21.34
C LEU A 244 11.74 19.34 -21.07
N HIS A 245 12.07 20.34 -21.88
CA HIS A 245 11.50 21.67 -21.66
C HIS A 245 10.00 21.62 -21.87
N MET A 246 9.55 20.92 -22.92
CA MET A 246 8.11 20.83 -23.13
CA MET A 246 8.12 20.78 -23.16
C MET A 246 7.43 20.04 -22.03
N MET A 247 8.09 19.02 -21.46
CA MET A 247 7.48 18.27 -20.37
C MET A 247 7.30 19.16 -19.14
N LYS A 248 8.27 20.04 -18.88
CA LYS A 248 8.12 20.98 -17.77
C LYS A 248 6.97 21.94 -18.03
N GLU A 249 6.88 22.47 -19.25
CA GLU A 249 5.78 23.37 -19.57
C GLU A 249 4.43 22.68 -19.42
N LYS A 250 4.36 21.38 -19.70
CA LYS A 250 3.10 20.66 -19.60
C LYS A 250 2.59 20.65 -18.16
N TRP A 251 3.49 20.55 -17.17
CA TRP A 251 3.09 20.33 -15.78
C TRP A 251 3.24 21.55 -14.89
N TRP A 252 4.01 22.55 -15.29
CA TRP A 252 4.10 23.79 -14.52
C TRP A 252 3.18 24.80 -15.20
N ARG A 253 1.90 24.67 -14.90
CA ARG A 253 0.84 25.49 -15.44
C ARG A 253 0.05 26.01 -14.25
N GLY A 254 -0.47 27.18 -14.40
CA GLY A 254 -1.16 27.84 -13.32
C GLY A 254 -1.75 29.11 -13.88
N ASN A 255 -2.79 29.58 -13.21
CA ASN A 255 -3.43 30.81 -13.67
C ASN A 255 -2.49 32.00 -13.56
N GLY A 256 -1.50 31.94 -12.67
CA GLY A 256 -0.59 33.03 -12.45
C GLY A 256 -1.14 34.06 -11.46
N CYS A 257 -0.28 35.00 -11.08
CA CYS A 257 -0.56 35.92 -9.99
C CYS A 257 -0.11 37.33 -10.34
N PRO A 258 -0.68 38.33 -9.68
CA PRO A 258 -0.22 39.71 -9.87
C PRO A 258 1.25 39.94 -9.50
N ARG B 4 9.92 -33.32 -3.24
CA ARG B 4 8.86 -33.19 -4.22
C ARG B 4 8.15 -31.87 -4.02
N SER B 5 7.33 -31.49 -5.01
CA SER B 5 6.59 -30.24 -4.93
C SER B 5 5.35 -30.41 -4.08
N LEU B 6 5.06 -29.43 -3.25
CA LEU B 6 3.83 -29.43 -2.46
C LEU B 6 2.66 -28.98 -3.31
N ILE B 7 1.53 -29.64 -3.14
CA ILE B 7 0.30 -29.24 -3.79
C ILE B 7 -0.41 -28.25 -2.88
N VAL B 8 -0.64 -27.04 -3.38
CA VAL B 8 -1.24 -25.96 -2.60
C VAL B 8 -2.64 -25.71 -3.16
N THR B 9 -3.66 -25.99 -2.35
CA THR B 9 -5.02 -25.67 -2.76
C THR B 9 -5.34 -24.24 -2.34
N THR B 10 -6.15 -23.59 -3.16
CA THR B 10 -6.54 -22.22 -2.88
C THR B 10 -7.84 -21.95 -3.63
N ILE B 11 -8.29 -20.71 -3.56
CA ILE B 11 -9.60 -20.31 -4.05
C ILE B 11 -9.53 -18.87 -4.53
N LEU B 12 -10.26 -18.54 -5.60
CA LEU B 12 -10.26 -17.16 -6.08
C LEU B 12 -11.07 -16.28 -5.14
N GLU B 13 -10.45 -15.21 -4.66
CA GLU B 13 -11.07 -14.28 -3.72
C GLU B 13 -10.22 -13.02 -3.63
N GLU B 14 -10.67 -11.93 -4.25
CA GLU B 14 -9.90 -10.69 -4.21
C GLU B 14 -9.93 -10.10 -2.81
N PRO B 15 -8.81 -9.54 -2.30
CA PRO B 15 -7.47 -9.42 -2.89
C PRO B 15 -6.50 -10.48 -2.44
N TYR B 16 -7.01 -11.61 -1.93
CA TYR B 16 -6.16 -12.67 -1.42
C TYR B 16 -5.56 -13.50 -2.55
N VAL B 17 -6.39 -13.87 -3.53
CA VAL B 17 -5.97 -14.69 -4.65
C VAL B 17 -6.78 -14.27 -5.86
N LEU B 18 -6.11 -13.94 -6.97
CA LEU B 18 -6.82 -13.72 -8.22
C LEU B 18 -5.93 -14.08 -9.39
N PHE B 19 -6.54 -14.26 -10.55
CA PHE B 19 -5.75 -14.36 -11.77
C PHE B 19 -5.21 -12.98 -12.13
N LYS B 20 -3.90 -12.89 -12.33
CA LYS B 20 -3.30 -11.62 -12.72
C LYS B 20 -3.81 -11.22 -14.09
N LYS B 21 -4.00 -9.92 -14.28
CA LYS B 21 -4.34 -9.37 -15.60
C LYS B 21 -3.04 -9.02 -16.32
N SER B 22 -2.84 -9.59 -17.50
CA SER B 22 -1.53 -9.54 -18.17
C SER B 22 -1.57 -9.25 -19.67
N LEU B 26 0.14 -16.63 -19.48
CA LEU B 26 0.74 -16.99 -18.18
C LEU B 26 0.37 -18.44 -17.85
N TYR B 27 1.30 -19.12 -17.19
CA TYR B 27 1.17 -20.56 -16.97
C TYR B 27 1.57 -20.92 -15.56
N GLY B 28 0.99 -22.01 -15.07
CA GLY B 28 1.37 -22.51 -13.77
C GLY B 28 1.17 -21.47 -12.70
N ASN B 29 2.12 -21.39 -11.77
CA ASN B 29 1.95 -20.54 -10.60
C ASN B 29 1.98 -19.05 -10.94
N ASP B 30 2.62 -18.66 -12.05
CA ASP B 30 2.70 -17.24 -12.38
C ASP B 30 1.35 -16.66 -12.79
N ARG B 31 0.34 -17.51 -13.02
CA ARG B 31 -1.01 -17.01 -13.31
C ARG B 31 -1.61 -16.23 -12.15
N PHE B 32 -1.14 -16.45 -10.92
CA PHE B 32 -1.82 -15.99 -9.72
C PHE B 32 -1.12 -14.80 -9.09
N GLU B 33 -1.92 -13.93 -8.46
CA GLU B 33 -1.41 -12.86 -7.60
C GLU B 33 -2.34 -12.68 -6.41
N GLY B 34 -1.85 -11.92 -5.44
CA GLY B 34 -2.66 -11.53 -4.31
C GLY B 34 -1.91 -11.64 -3.00
N TYR B 35 -2.56 -11.23 -1.91
CA TYR B 35 -1.94 -11.30 -0.59
C TYR B 35 -1.48 -12.71 -0.29
N CYS B 36 -2.34 -13.72 -0.48
CA CYS B 36 -1.95 -15.09 -0.16
C CYS B 36 -0.89 -15.64 -1.07
N ILE B 37 -0.82 -15.18 -2.32
CA ILE B 37 0.24 -15.61 -3.23
C ILE B 37 1.58 -15.04 -2.79
N ASP B 38 1.57 -13.77 -2.35
CA ASP B 38 2.77 -13.19 -1.78
C ASP B 38 3.21 -13.95 -0.52
N LEU B 39 2.25 -14.32 0.33
CA LEU B 39 2.58 -15.07 1.53
C LEU B 39 3.19 -16.42 1.17
N LEU B 40 2.56 -17.13 0.25
CA LEU B 40 3.08 -18.43 -0.20
C LEU B 40 4.51 -18.30 -0.73
N ARG B 41 4.80 -17.24 -1.50
CA ARG B 41 6.14 -17.06 -2.02
C ARG B 41 7.14 -16.87 -0.90
N GLU B 42 6.77 -16.10 0.12
CA GLU B 42 7.66 -15.91 1.26
C GLU B 42 7.86 -17.22 2.02
N LEU B 43 6.79 -17.97 2.27
CA LEU B 43 6.93 -19.23 2.97
C LEU B 43 7.84 -20.19 2.22
N SER B 44 7.70 -20.24 0.90
CA SER B 44 8.52 -21.14 0.08
CA SER B 44 8.52 -21.15 0.09
C SER B 44 10.00 -20.77 0.18
N THR B 45 10.29 -19.48 0.26
CA THR B 45 11.68 -19.03 0.39
CA THR B 45 11.69 -19.05 0.38
C THR B 45 12.26 -19.38 1.75
N ILE B 46 11.45 -19.17 2.79
CA ILE B 46 11.94 -19.38 4.16
C ILE B 46 12.11 -20.86 4.45
N LEU B 47 11.20 -21.69 3.96
CA LEU B 47 11.20 -23.10 4.31
C LEU B 47 11.82 -23.99 3.23
N GLY B 48 12.02 -23.47 2.04
CA GLY B 48 12.70 -24.21 1.00
C GLY B 48 11.91 -25.35 0.39
N PHE B 49 10.69 -25.04 -0.05
CA PHE B 49 9.90 -26.02 -0.78
C PHE B 49 9.48 -25.41 -2.11
N THR B 50 9.25 -26.29 -3.09
CA THR B 50 8.63 -25.94 -4.36
C THR B 50 7.17 -26.35 -4.28
N TYR B 51 6.36 -25.79 -5.18
CA TYR B 51 4.92 -25.97 -5.01
C TYR B 51 4.21 -25.78 -6.35
N GLU B 52 2.98 -26.31 -6.39
CA GLU B 52 2.09 -26.14 -7.54
C GLU B 52 0.73 -25.72 -7.00
N ILE B 53 0.25 -24.57 -7.45
CA ILE B 53 -1.03 -24.03 -6.99
C ILE B 53 -2.16 -24.66 -7.82
N ARG B 54 -3.18 -25.16 -7.13
CA ARG B 54 -4.34 -25.76 -7.79
C ARG B 54 -5.60 -25.20 -7.15
N LEU B 55 -6.42 -24.52 -7.94
CA LEU B 55 -7.68 -24.04 -7.40
C LEU B 55 -8.53 -25.22 -6.96
N VAL B 56 -9.21 -25.07 -5.84
CA VAL B 56 -10.07 -26.12 -5.34
C VAL B 56 -11.16 -26.42 -6.37
N GLU B 57 -11.32 -27.70 -6.69
CA GLU B 57 -12.13 -28.09 -7.83
C GLU B 57 -13.60 -27.69 -7.65
N ASP B 58 -14.16 -27.87 -6.46
CA ASP B 58 -15.57 -27.60 -6.25
C ASP B 58 -15.84 -26.15 -5.89
N GLY B 59 -14.81 -25.32 -5.83
CA GLY B 59 -15.01 -23.91 -5.61
C GLY B 59 -15.46 -23.51 -4.24
N LYS B 60 -15.32 -24.39 -3.24
CA LYS B 60 -15.85 -24.15 -1.91
C LYS B 60 -14.74 -24.05 -0.86
N TYR B 61 -15.05 -23.31 0.20
CA TYR B 61 -14.14 -23.20 1.33
C TYR B 61 -14.11 -24.49 2.15
N GLY B 62 -15.25 -24.89 2.70
CA GLY B 62 -15.35 -26.19 3.32
C GLY B 62 -16.31 -26.24 4.47
N ALA B 63 -17.26 -27.14 4.38
CA ALA B 63 -18.22 -27.42 5.43
C ALA B 63 -18.56 -28.90 5.42
N GLN B 64 -19.13 -29.36 6.52
CA GLN B 64 -19.44 -30.77 6.69
C GLN B 64 -20.90 -31.03 6.35
N ASP B 65 -21.14 -32.13 5.64
CA ASP B 65 -22.47 -32.49 5.22
C ASP B 65 -23.28 -33.04 6.40
N ASP B 66 -24.51 -32.58 6.53
CA ASP B 66 -25.33 -33.03 7.66
C ASP B 66 -25.72 -34.49 7.56
N VAL B 67 -25.82 -35.03 6.34
CA VAL B 67 -26.32 -36.40 6.18
C VAL B 67 -25.19 -37.41 6.27
N ASN B 68 -24.16 -37.26 5.44
CA ASN B 68 -23.10 -38.26 5.34
C ASN B 68 -21.83 -37.85 6.06
N GLY B 69 -21.82 -36.68 6.70
CA GLY B 69 -20.69 -36.25 7.50
C GLY B 69 -19.41 -35.97 6.74
N GLN B 70 -19.41 -36.02 5.42
CA GLN B 70 -18.21 -35.75 4.65
C GLN B 70 -18.04 -34.25 4.45
N TRP B 71 -16.77 -33.84 4.27
CA TRP B 71 -16.47 -32.43 4.05
C TRP B 71 -16.40 -32.13 2.56
N ASN B 72 -16.42 -30.83 2.25
CA ASN B 72 -16.15 -30.39 0.88
C ASN B 72 -15.09 -29.29 0.87
N GLY B 73 -14.85 -28.70 -0.29
CA GLY B 73 -13.99 -27.54 -0.38
C GLY B 73 -12.52 -27.83 -0.09
N MET B 74 -11.81 -26.77 0.28
CA MET B 74 -10.38 -26.91 0.56
C MET B 74 -10.17 -27.83 1.75
N VAL B 75 -11.11 -27.80 2.70
CA VAL B 75 -10.97 -28.63 3.90
C VAL B 75 -10.94 -30.10 3.52
N ARG B 76 -11.87 -30.52 2.65
CA ARG B 76 -11.88 -31.90 2.17
C ARG B 76 -10.58 -32.27 1.44
N GLU B 77 -10.03 -31.35 0.64
CA GLU B 77 -8.78 -31.65 -0.07
CA GLU B 77 -8.79 -31.68 -0.06
C GLU B 77 -7.66 -31.96 0.92
N LEU B 78 -7.63 -31.24 2.05
CA LEU B 78 -6.60 -31.51 3.06
C LEU B 78 -6.85 -32.82 3.79
N ILE B 79 -8.10 -33.08 4.16
CA ILE B 79 -8.45 -34.31 4.86
C ILE B 79 -8.02 -35.52 4.05
N ASP B 80 -8.25 -35.48 2.74
CA ASP B 80 -7.92 -36.59 1.86
C ASP B 80 -6.45 -36.58 1.46
N HIS B 81 -5.68 -35.58 1.91
CA HIS B 81 -4.29 -35.41 1.49
C HIS B 81 -4.17 -35.27 -0.02
N LYS B 82 -5.21 -34.71 -0.66
CA LYS B 82 -5.08 -34.31 -2.05
C LYS B 82 -4.24 -33.06 -2.21
N ALA B 83 -4.14 -32.25 -1.15
CA ALA B 83 -3.28 -31.09 -1.12
C ALA B 83 -2.44 -31.15 0.13
N ASP B 84 -1.26 -30.55 0.07
CA ASP B 84 -0.38 -30.48 1.24
C ASP B 84 -0.62 -29.23 2.06
N LEU B 85 -1.02 -28.13 1.42
CA LEU B 85 -1.28 -26.87 2.09
C LEU B 85 -2.52 -26.25 1.48
N ALA B 86 -3.23 -25.46 2.28
CA ALA B 86 -4.26 -24.56 1.79
C ALA B 86 -3.79 -23.16 2.15
N VAL B 87 -3.48 -22.35 1.14
CA VAL B 87 -3.01 -20.98 1.37
C VAL B 87 -4.07 -20.08 0.75
N ALA B 88 -4.92 -19.52 1.62
CA ALA B 88 -6.16 -18.89 1.20
C ALA B 88 -6.70 -18.11 2.39
N PRO B 89 -7.76 -17.32 2.21
CA PRO B 89 -8.45 -16.74 3.40
C PRO B 89 -9.34 -17.80 4.07
N LEU B 90 -8.66 -18.81 4.63
CA LEU B 90 -9.30 -19.96 5.23
C LEU B 90 -9.38 -19.72 6.74
N ALA B 91 -10.59 -19.48 7.23
CA ALA B 91 -10.77 -19.16 8.63
C ALA B 91 -10.47 -20.34 9.54
N ILE B 92 -9.73 -20.05 10.60
CA ILE B 92 -9.53 -20.98 11.73
C ILE B 92 -10.83 -21.09 12.50
N THR B 93 -11.36 -22.30 12.60
CA THR B 93 -12.58 -22.52 13.35
C THR B 93 -12.47 -23.80 14.17
N TYR B 94 -13.30 -23.88 15.23
CA TYR B 94 -13.31 -25.03 16.12
CA TYR B 94 -13.23 -25.04 16.10
C TYR B 94 -13.61 -26.32 15.34
N VAL B 95 -14.64 -26.28 14.49
CA VAL B 95 -15.02 -27.52 13.81
C VAL B 95 -13.93 -27.95 12.83
N ARG B 96 -13.25 -27.01 12.19
CA ARG B 96 -12.21 -27.39 11.24
C ARG B 96 -10.94 -27.86 11.94
N GLU B 97 -10.54 -27.21 13.04
CA GLU B 97 -9.33 -27.61 13.75
CA GLU B 97 -9.33 -27.61 13.75
C GLU B 97 -9.43 -29.02 14.29
N LYS B 98 -10.62 -29.56 14.41
CA LYS B 98 -10.78 -30.94 14.85
C LYS B 98 -10.44 -31.94 13.75
N VAL B 99 -10.43 -31.52 12.49
CA VAL B 99 -10.22 -32.44 11.36
C VAL B 99 -9.01 -32.09 10.48
N ILE B 100 -8.54 -30.84 10.46
CA ILE B 100 -7.31 -30.43 9.78
C ILE B 100 -6.47 -29.66 10.79
N ASP B 101 -5.24 -29.33 10.40
CA ASP B 101 -4.40 -28.50 11.24
C ASP B 101 -4.26 -27.12 10.59
N PHE B 102 -4.18 -26.11 11.43
CA PHE B 102 -3.95 -24.75 10.96
C PHE B 102 -2.67 -24.23 11.56
N SER B 103 -1.92 -23.48 10.77
CA SER B 103 -0.87 -22.65 11.34
C SER B 103 -1.48 -21.63 12.28
N LYS B 104 -0.61 -20.99 13.07
CA LYS B 104 -1.04 -19.77 13.76
C LYS B 104 -1.46 -18.72 12.72
N PRO B 105 -2.32 -17.80 13.12
CA PRO B 105 -2.90 -16.90 12.14
C PRO B 105 -1.91 -15.93 11.51
N PHE B 106 -2.12 -15.66 10.21
CA PHE B 106 -1.41 -14.59 9.52
C PHE B 106 -2.23 -13.32 9.37
N MET B 107 -3.51 -13.33 9.67
CA MET B 107 -4.39 -12.18 9.58
C MET B 107 -5.54 -12.39 10.56
N THR B 108 -5.99 -11.32 11.22
CA THR B 108 -7.18 -11.39 12.06
C THR B 108 -8.42 -10.97 11.30
N LEU B 109 -9.55 -11.56 11.70
CA LEU B 109 -10.84 -11.11 11.18
C LEU B 109 -11.93 -11.54 12.16
N GLY B 110 -13.12 -10.95 11.97
CA GLY B 110 -14.32 -11.43 12.61
C GLY B 110 -15.50 -11.29 11.66
N ILE B 111 -16.54 -12.08 11.91
CA ILE B 111 -17.79 -11.92 11.18
C ILE B 111 -18.38 -10.55 11.48
N SER B 112 -18.91 -9.89 10.46
CA SER B 112 -19.65 -8.65 10.66
C SER B 112 -20.70 -8.56 9.57
N ILE B 113 -21.31 -7.39 9.42
CA ILE B 113 -22.46 -7.22 8.53
C ILE B 113 -22.13 -6.18 7.49
N LEU B 114 -22.37 -6.50 6.21
CA LEU B 114 -22.29 -5.53 5.12
C LEU B 114 -23.69 -5.08 4.71
N TYR B 115 -23.91 -3.76 4.68
CA TYR B 115 -25.21 -3.19 4.34
C TYR B 115 -24.99 -1.81 3.73
N ARG B 116 -26.07 -1.05 3.65
CA ARG B 116 -26.02 0.29 3.07
C ARG B 116 -25.94 1.34 4.18
N LYS B 117 -25.38 2.51 3.82
CA LYS B 117 -25.31 3.62 4.75
C LYS B 117 -26.68 4.26 4.93
N GLY B 118 -26.89 4.84 6.11
CA GLY B 118 -28.06 5.67 6.32
C GLY B 118 -29.34 4.96 6.66
N THR B 119 -29.27 3.75 7.21
CA THR B 119 -30.44 3.07 7.73
C THR B 119 -30.42 3.07 9.25
N PRO B 120 -31.53 2.69 9.88
CA PRO B 120 -31.55 2.57 11.33
C PRO B 120 -30.90 1.30 11.84
N ILE B 121 -30.51 0.38 10.95
CA ILE B 121 -29.99 -0.91 11.39
C ILE B 121 -28.59 -0.73 11.97
N ASP B 122 -28.39 -1.20 13.20
CA ASP B 122 -27.12 -0.98 13.87
C ASP B 122 -26.45 -2.23 14.42
N SER B 123 -27.05 -3.39 14.23
CA SER B 123 -26.53 -4.60 14.88
C SER B 123 -27.21 -5.81 14.28
N ALA B 124 -26.63 -6.98 14.57
CA ALA B 124 -27.29 -8.24 14.20
C ALA B 124 -28.64 -8.36 14.88
N ASP B 125 -28.75 -7.90 16.13
CA ASP B 125 -30.03 -7.91 16.83
C ASP B 125 -31.08 -7.17 16.03
N ASP B 126 -30.73 -6.01 15.47
CA ASP B 126 -31.70 -5.26 14.70
C ASP B 126 -32.17 -6.04 13.48
N LEU B 127 -31.28 -6.80 12.84
CA LEU B 127 -31.69 -7.66 11.72
C LEU B 127 -32.56 -8.81 12.20
N ALA B 128 -32.19 -9.42 13.30
CA ALA B 128 -32.87 -10.64 13.73
C ALA B 128 -34.30 -10.37 14.14
N LYS B 129 -34.61 -9.17 14.61
CA LYS B 129 -35.93 -8.87 15.16
CA LYS B 129 -35.93 -8.86 15.16
C LYS B 129 -36.92 -8.41 14.11
N GLN B 130 -36.54 -8.42 12.83
CA GLN B 130 -37.41 -8.01 11.74
C GLN B 130 -37.31 -9.04 10.62
N THR B 131 -38.21 -8.93 9.64
CA THR B 131 -38.23 -9.88 8.55
C THR B 131 -38.22 -9.22 7.17
N LYS B 132 -38.30 -7.89 7.09
CA LYS B 132 -38.41 -7.22 5.80
C LYS B 132 -37.07 -7.21 5.07
N ILE B 133 -35.99 -6.92 5.79
CA ILE B 133 -34.63 -6.98 5.26
C ILE B 133 -34.16 -8.43 5.36
N GLU B 134 -33.76 -9.01 4.23
CA GLU B 134 -33.22 -10.36 4.28
C GLU B 134 -31.71 -10.32 4.51
N TYR B 135 -31.14 -11.47 4.86
CA TYR B 135 -29.71 -11.56 5.11
C TYR B 135 -29.27 -13.01 4.86
N GLY B 136 -27.98 -13.16 4.63
CA GLY B 136 -27.39 -14.46 4.38
C GLY B 136 -25.89 -14.37 4.37
N ALA B 137 -25.28 -15.42 3.80
CA ALA B 137 -23.84 -15.66 3.89
C ALA B 137 -23.41 -16.54 2.72
N VAL B 138 -22.09 -16.74 2.61
CA VAL B 138 -21.55 -17.65 1.59
C VAL B 138 -21.87 -19.09 1.98
N GLU B 139 -22.42 -19.84 1.04
CA GLU B 139 -22.73 -21.24 1.28
C GLU B 139 -21.43 -22.02 1.52
N ASP B 140 -21.47 -22.91 2.51
CA ASP B 140 -20.39 -23.87 2.76
C ASP B 140 -19.09 -23.20 3.23
N GLY B 141 -19.23 -22.04 3.88
CA GLY B 141 -18.12 -21.34 4.48
C GLY B 141 -18.28 -21.22 5.98
N ALA B 142 -17.28 -20.56 6.59
CA ALA B 142 -17.19 -20.48 8.05
C ALA B 142 -18.28 -19.62 8.65
N THR B 143 -18.68 -18.54 7.96
CA THR B 143 -19.74 -17.67 8.49
C THR B 143 -21.06 -18.43 8.56
N MET B 144 -21.46 -19.08 7.45
CA MET B 144 -22.64 -19.93 7.49
CA MET B 144 -22.64 -19.93 7.49
C MET B 144 -22.57 -20.92 8.65
N THR B 145 -21.42 -21.58 8.81
CA THR B 145 -21.30 -22.63 9.83
C THR B 145 -21.37 -22.04 11.23
N PHE B 146 -20.85 -20.84 11.43
CA PHE B 146 -21.01 -20.17 12.74
C PHE B 146 -22.47 -20.02 13.10
N PHE B 147 -23.28 -19.52 12.18
CA PHE B 147 -24.70 -19.36 12.48
C PHE B 147 -25.40 -20.71 12.64
N LYS B 148 -25.05 -21.69 11.79
CA LYS B 148 -25.66 -23.01 11.85
C LYS B 148 -25.43 -23.68 13.22
N LYS B 149 -24.27 -23.45 13.83
CA LYS B 149 -23.91 -24.12 15.07
C LYS B 149 -24.23 -23.29 16.33
N SER B 150 -24.61 -22.02 16.19
CA SER B 150 -24.65 -21.16 17.36
C SER B 150 -25.86 -21.44 18.24
N LYS B 151 -25.64 -21.39 19.55
CA LYS B 151 -26.71 -21.47 20.53
C LYS B 151 -27.08 -20.10 21.05
N ILE B 152 -26.34 -19.06 20.66
CA ILE B 152 -26.65 -17.70 21.07
C ILE B 152 -27.97 -17.31 20.42
N SER B 153 -28.92 -16.83 21.23
CA SER B 153 -30.29 -16.69 20.72
C SER B 153 -30.39 -15.88 19.44
N THR B 154 -29.74 -14.70 19.38
CA THR B 154 -29.83 -13.87 18.18
C THR B 154 -29.34 -14.63 16.94
N TYR B 155 -28.21 -15.33 17.06
CA TYR B 155 -27.61 -15.99 15.90
C TYR B 155 -28.36 -17.26 15.54
N ASP B 156 -28.95 -17.94 16.57
CA ASP B 156 -29.85 -19.07 16.33
C ASP B 156 -31.09 -18.65 15.54
N LYS B 157 -31.70 -17.52 15.92
CA LYS B 157 -32.87 -17.02 15.19
C LYS B 157 -32.49 -16.59 13.77
N MET B 158 -31.29 -16.04 13.59
CA MET B 158 -30.87 -15.64 12.24
C MET B 158 -30.63 -16.89 11.40
N TRP B 159 -30.05 -17.96 11.99
CA TRP B 159 -29.91 -19.19 11.23
C TRP B 159 -31.28 -19.79 10.91
N ALA B 160 -32.25 -19.71 11.82
CA ALA B 160 -33.59 -20.22 11.52
C ALA B 160 -34.16 -19.55 10.27
N PHE B 161 -33.94 -18.24 10.15
CA PHE B 161 -34.42 -17.52 8.98
C PHE B 161 -33.66 -17.97 7.74
N MET B 162 -32.33 -18.00 7.81
CA MET B 162 -31.53 -18.35 6.63
C MET B 162 -31.81 -19.77 6.17
N SER B 163 -31.88 -20.70 7.11
CA SER B 163 -32.01 -22.10 6.73
CA SER B 163 -32.01 -22.10 6.75
C SER B 163 -33.34 -22.35 6.04
N SER B 164 -34.40 -21.64 6.44
CA SER B 164 -35.69 -21.82 5.77
C SER B 164 -35.72 -21.20 4.38
N ARG B 165 -34.84 -20.24 4.11
CA ARG B 165 -34.75 -19.58 2.81
C ARG B 165 -33.39 -19.77 2.15
N ARG B 166 -32.76 -20.91 2.41
CA ARG B 166 -31.37 -21.16 2.03
C ARG B 166 -31.10 -20.87 0.56
N GLN B 167 -31.95 -21.38 -0.33
CA GLN B 167 -31.71 -21.23 -1.77
C GLN B 167 -31.74 -19.76 -2.18
N SER B 168 -32.47 -18.93 -1.42
CA SER B 168 -32.67 -17.54 -1.79
C SER B 168 -31.75 -16.56 -1.09
N VAL B 169 -31.15 -16.92 0.04
CA VAL B 169 -30.35 -15.95 0.78
C VAL B 169 -28.90 -16.38 0.99
N LEU B 170 -28.56 -17.65 0.83
CA LEU B 170 -27.16 -18.05 0.82
C LEU B 170 -26.64 -17.97 -0.61
N VAL B 171 -25.40 -17.55 -0.75
CA VAL B 171 -24.82 -17.23 -2.05
C VAL B 171 -23.55 -18.01 -2.27
N LYS B 172 -23.10 -18.07 -3.54
CA LYS B 172 -21.94 -18.88 -3.88
C LYS B 172 -20.63 -18.17 -3.61
N SER B 173 -20.64 -16.85 -3.41
CA SER B 173 -19.40 -16.09 -3.29
C SER B 173 -19.65 -14.77 -2.60
N ASN B 174 -18.56 -14.19 -2.06
CA ASN B 174 -18.69 -12.84 -1.52
C ASN B 174 -19.16 -11.87 -2.59
N GLU B 175 -18.64 -11.99 -3.83
CA GLU B 175 -19.07 -11.09 -4.90
C GLU B 175 -20.58 -11.14 -5.09
N GLU B 176 -21.17 -12.34 -5.09
CA GLU B 176 -22.63 -12.44 -5.25
C GLU B 176 -23.34 -11.78 -4.09
N GLY B 177 -22.80 -11.93 -2.86
CA GLY B 177 -23.42 -11.30 -1.72
C GLY B 177 -23.39 -9.78 -1.81
N ILE B 178 -22.26 -9.22 -2.26
CA ILE B 178 -22.17 -7.77 -2.44
C ILE B 178 -23.22 -7.29 -3.42
N GLN B 179 -23.34 -7.99 -4.56
CA GLN B 179 -24.32 -7.58 -5.55
C GLN B 179 -25.73 -7.67 -5.01
N ARG B 180 -26.00 -8.65 -4.14
CA ARG B 180 -27.31 -8.76 -3.50
C ARG B 180 -27.57 -7.54 -2.61
N VAL B 181 -26.56 -7.11 -1.86
CA VAL B 181 -26.71 -5.89 -1.07
C VAL B 181 -27.03 -4.70 -1.95
N LEU B 182 -26.38 -4.60 -3.11
CA LEU B 182 -26.53 -3.39 -3.91
C LEU B 182 -27.86 -3.31 -4.64
N THR B 183 -28.52 -4.44 -4.90
CA THR B 183 -29.71 -4.44 -5.77
C THR B 183 -30.94 -5.03 -5.11
N SER B 184 -30.93 -5.21 -3.80
CA SER B 184 -32.09 -5.65 -3.03
C SER B 184 -31.91 -5.19 -1.60
N ASP B 185 -32.97 -5.30 -0.79
CA ASP B 185 -32.89 -4.92 0.62
C ASP B 185 -32.36 -6.11 1.41
N TYR B 186 -31.04 -6.19 1.49
CA TYR B 186 -30.36 -7.40 1.93
C TYR B 186 -29.08 -6.97 2.62
N ALA B 187 -28.82 -7.60 3.76
CA ALA B 187 -27.59 -7.42 4.51
C ALA B 187 -26.79 -8.71 4.47
N PHE B 188 -25.49 -8.60 4.29
CA PHE B 188 -24.65 -9.75 4.01
C PHE B 188 -23.69 -10.00 5.17
N LEU B 189 -23.75 -11.19 5.72
CA LEU B 189 -22.87 -11.60 6.81
CA LEU B 189 -22.87 -11.60 6.80
C LEU B 189 -21.55 -12.03 6.17
N MET B 190 -20.50 -11.26 6.46
N MET B 190 -20.46 -11.42 6.60
CA MET B 190 -19.22 -11.28 5.75
CA MET B 190 -19.24 -11.46 5.81
C MET B 190 -18.09 -11.18 6.76
C MET B 190 -18.05 -11.02 6.67
N GLU B 191 -16.89 -11.55 6.34
CA GLU B 191 -15.72 -11.39 7.19
C GLU B 191 -15.18 -9.97 7.09
N SER B 192 -14.73 -9.45 8.23
CA SER B 192 -14.42 -8.02 8.35
C SER B 192 -13.29 -7.57 7.43
N THR B 193 -12.32 -8.45 7.15
CA THR B 193 -11.23 -8.13 6.25
C THR B 193 -11.75 -7.84 4.86
N THR B 194 -12.65 -8.70 4.38
CA THR B 194 -13.24 -8.50 3.06
C THR B 194 -14.17 -7.29 3.04
N ILE B 195 -14.88 -7.06 4.14
CA ILE B 195 -15.68 -5.83 4.26
C ILE B 195 -14.79 -4.61 4.09
N GLU B 196 -13.62 -4.62 4.77
CA GLU B 196 -12.73 -3.46 4.71
C GLU B 196 -12.31 -3.20 3.27
N PHE B 197 -12.04 -4.26 2.52
CA PHE B 197 -11.66 -4.12 1.13
C PHE B 197 -12.79 -3.51 0.32
N VAL B 198 -14.01 -4.00 0.51
CA VAL B 198 -15.18 -3.57 -0.27
C VAL B 198 -15.57 -2.13 0.06
N THR B 199 -15.59 -1.77 1.34
CA THR B 199 -16.09 -0.45 1.71
C THR B 199 -15.10 0.66 1.37
N GLN B 200 -13.82 0.34 1.18
CA GLN B 200 -12.89 1.33 0.66
C GLN B 200 -13.15 1.64 -0.80
N ARG B 201 -13.96 0.84 -1.46
CA ARG B 201 -14.18 0.92 -2.90
C ARG B 201 -15.63 1.20 -3.27
N ASN B 202 -16.58 0.96 -2.36
CA ASN B 202 -18.00 1.26 -2.56
C ASN B 202 -18.47 2.17 -1.41
N CYS B 203 -18.60 3.47 -1.66
CA CYS B 203 -18.79 4.37 -0.53
C CYS B 203 -20.21 4.40 0.03
N ASN B 204 -21.18 3.82 -0.66
CA ASN B 204 -22.53 3.68 -0.09
C ASN B 204 -22.69 2.41 0.73
N LEU B 205 -21.68 1.54 0.77
CA LEU B 205 -21.70 0.34 1.59
C LEU B 205 -20.93 0.59 2.88
N THR B 206 -21.30 -0.17 3.91
CA THR B 206 -20.76 0.07 5.23
C THR B 206 -20.84 -1.20 6.03
N GLN B 207 -19.95 -1.30 7.01
CA GLN B 207 -20.08 -2.29 8.07
C GLN B 207 -21.13 -1.83 9.06
N ILE B 208 -21.97 -2.76 9.47
CA ILE B 208 -23.02 -2.50 10.45
C ILE B 208 -22.58 -3.18 11.73
N GLY B 209 -22.49 -2.40 12.80
CA GLY B 209 -22.15 -2.97 14.06
C GLY B 209 -20.68 -3.31 14.11
N GLY B 210 -20.34 -4.09 15.11
CA GLY B 210 -18.99 -4.48 15.35
C GLY B 210 -18.73 -5.89 14.86
N LEU B 211 -17.69 -6.49 15.42
CA LEU B 211 -17.33 -7.86 15.10
C LEU B 211 -18.16 -8.79 15.97
N ILE B 212 -18.73 -9.82 15.33
CA ILE B 212 -19.55 -10.80 16.00
C ILE B 212 -18.71 -11.89 16.63
N ASP B 213 -17.54 -12.18 16.07
CA ASP B 213 -16.60 -13.12 16.65
C ASP B 213 -15.19 -12.62 16.38
N SER B 214 -14.21 -13.40 16.79
CA SER B 214 -12.81 -13.01 16.68
C SER B 214 -11.99 -14.23 16.35
N LYS B 215 -11.43 -14.26 15.14
CA LYS B 215 -10.60 -15.37 14.72
C LYS B 215 -9.57 -14.84 13.75
N GLY B 216 -9.01 -15.74 12.95
CA GLY B 216 -8.00 -15.38 11.99
C GLY B 216 -7.97 -16.39 10.85
N TYR B 217 -7.22 -16.03 9.84
CA TYR B 217 -6.90 -16.96 8.78
C TYR B 217 -5.58 -17.65 9.11
N GLY B 218 -5.52 -18.95 8.85
CA GLY B 218 -4.29 -19.68 8.96
C GLY B 218 -4.08 -20.54 7.72
N VAL B 219 -2.82 -20.95 7.53
CA VAL B 219 -2.52 -21.92 6.48
C VAL B 219 -3.02 -23.27 6.95
N GLY B 220 -3.79 -23.94 6.11
CA GLY B 220 -4.32 -25.25 6.45
C GLY B 220 -3.37 -26.33 6.00
N THR B 221 -3.27 -27.38 6.80
CA THR B 221 -2.52 -28.57 6.45
C THR B 221 -3.33 -29.80 6.83
N PRO B 222 -3.03 -30.97 6.25
CA PRO B 222 -3.64 -32.19 6.78
C PRO B 222 -3.25 -32.37 8.24
N MET B 223 -4.16 -32.95 9.01
CA MET B 223 -3.88 -33.19 10.42
CA MET B 223 -3.88 -33.19 10.42
C MET B 223 -2.61 -34.03 10.57
N GLY B 224 -1.70 -33.54 11.42
CA GLY B 224 -0.45 -34.21 11.69
C GLY B 224 0.71 -33.79 10.81
N SER B 225 0.48 -32.90 9.86
CA SER B 225 1.52 -32.53 8.92
C SER B 225 2.69 -31.87 9.64
N PRO B 226 3.92 -32.22 9.29
CA PRO B 226 5.07 -31.49 9.86
C PRO B 226 5.18 -30.06 9.40
N TYR B 227 4.49 -29.67 8.34
CA TYR B 227 4.61 -28.31 7.84
C TYR B 227 3.86 -27.33 8.71
N ARG B 228 2.90 -27.79 9.53
CA ARG B 228 2.11 -26.83 10.29
C ARG B 228 2.99 -25.99 11.20
N ASP B 229 3.82 -26.65 12.02
CA ASP B 229 4.67 -25.92 12.96
C ASP B 229 5.73 -25.10 12.24
N LYS B 230 6.27 -25.61 11.13
CA LYS B 230 7.26 -24.85 10.36
C LYS B 230 6.64 -23.58 9.79
N ILE B 231 5.42 -23.68 9.29
CA ILE B 231 4.76 -22.52 8.71
C ILE B 231 4.38 -21.53 9.82
N THR B 232 3.95 -22.04 10.97
CA THR B 232 3.69 -21.14 12.09
C THR B 232 4.91 -20.28 12.39
N ILE B 233 6.07 -20.89 12.54
CA ILE B 233 7.25 -20.12 12.93
CA ILE B 233 7.26 -20.12 12.93
C ILE B 233 7.59 -19.09 11.85
N ALA B 234 7.46 -19.47 10.56
CA ALA B 234 7.71 -18.50 9.51
C ALA B 234 6.72 -17.34 9.55
N ILE B 235 5.44 -17.63 9.81
CA ILE B 235 4.43 -16.58 9.94
C ILE B 235 4.75 -15.66 11.11
N LEU B 236 5.16 -16.22 12.24
CA LEU B 236 5.50 -15.37 13.38
C LEU B 236 6.68 -14.46 13.05
N GLN B 237 7.66 -14.96 12.31
CA GLN B 237 8.78 -14.12 11.90
CA GLN B 237 8.78 -14.12 11.91
C GLN B 237 8.33 -13.01 10.97
N LEU B 238 7.54 -13.36 9.94
CA LEU B 238 7.05 -12.36 9.01
C LEU B 238 6.24 -11.29 9.73
N GLN B 239 5.46 -11.68 10.73
CA GLN B 239 4.71 -10.67 11.48
C GLN B 239 5.67 -9.72 12.16
N GLU B 240 6.64 -10.27 12.89
CA GLU B 240 7.52 -9.45 13.73
CA GLU B 240 7.50 -9.44 13.73
C GLU B 240 8.40 -8.54 12.88
N GLU B 241 8.74 -8.99 11.66
CA GLU B 241 9.54 -8.17 10.75
C GLU B 241 8.74 -7.03 10.14
N GLY B 242 7.42 -7.03 10.31
CA GLY B 242 6.56 -6.04 9.72
C GLY B 242 6.07 -6.37 8.33
N LYS B 243 6.44 -7.53 7.81
CA LYS B 243 6.11 -7.85 6.43
C LYS B 243 4.63 -8.15 6.25
N LEU B 244 3.99 -8.81 7.22
CA LEU B 244 2.57 -9.09 7.06
C LEU B 244 1.75 -7.81 6.99
N HIS B 245 2.05 -6.80 7.82
CA HIS B 245 1.25 -5.58 7.77
CA HIS B 245 1.24 -5.60 7.76
C HIS B 245 1.51 -4.83 6.48
N MET B 246 2.74 -4.92 5.95
N MET B 246 2.74 -4.90 5.97
CA MET B 246 3.03 -4.26 4.69
CA MET B 246 3.05 -4.27 4.69
C MET B 246 2.34 -4.96 3.53
C MET B 246 2.33 -4.95 3.55
N MET B 247 2.28 -6.29 3.57
CA MET B 247 1.53 -7.02 2.56
C MET B 247 0.06 -6.66 2.58
N LYS B 248 -0.53 -6.52 3.79
CA LYS B 248 -1.94 -6.14 3.84
C LYS B 248 -2.14 -4.74 3.25
N GLU B 249 -1.31 -3.79 3.64
CA GLU B 249 -1.43 -2.43 3.11
C GLU B 249 -1.30 -2.42 1.58
N LYS B 250 -0.41 -3.26 1.05
CA LYS B 250 -0.24 -3.34 -0.40
C LYS B 250 -1.55 -3.75 -1.10
N TRP B 251 -2.21 -4.78 -0.58
CA TRP B 251 -3.34 -5.36 -1.27
C TRP B 251 -4.67 -4.73 -0.89
N TRP B 252 -4.73 -4.00 0.22
CA TRP B 252 -5.96 -3.33 0.62
C TRP B 252 -5.99 -1.85 0.27
N ARG B 253 -4.89 -1.29 -0.19
CA ARG B 253 -4.88 0.12 -0.56
C ARG B 253 -5.98 0.39 -1.57
N GLY B 254 -6.94 1.24 -1.19
CA GLY B 254 -8.05 1.58 -2.04
C GLY B 254 -8.10 3.07 -2.30
N ASN B 255 -9.00 3.45 -3.20
CA ASN B 255 -9.22 4.87 -3.48
C ASN B 255 -9.61 5.60 -2.20
N GLY B 256 -10.68 5.13 -1.55
CA GLY B 256 -11.05 5.67 -0.25
C GLY B 256 -12.47 6.18 -0.18
N CYS B 257 -13.05 6.11 1.01
CA CYS B 257 -14.38 6.63 1.29
C CYS B 257 -14.33 7.28 2.66
N PRO B 258 -14.13 8.60 2.74
CA PRO B 258 -14.01 9.27 4.05
C PRO B 258 -15.29 9.25 4.87
N GLU C . 13.41 16.42 -3.29
CA GLU C . 13.94 16.32 -1.89
C GLU C . 14.79 15.07 -1.79
O GLU C . 15.21 14.49 -2.81
CB GLU C . 12.80 16.33 -0.87
CG GLU C . 12.24 17.72 -0.62
CD GLU C . 13.20 18.62 0.13
OE1 GLU C . 14.15 18.10 0.81
OE2 GLU C . 12.99 19.86 0.06
OXT GLU C . 15.12 14.64 -0.67
H1 GLU C . 14.00 16.86 -3.80
H2 GLU C . 13.30 15.61 -3.63
H3 GLU C . 12.64 16.86 -3.29
HA GLU C . 14.48 17.09 -1.67
HB2 GLU C . 12.08 15.77 -1.20
HB3 GLU C . 13.13 15.98 -0.03
HG2 GLU C . 12.05 18.14 -1.47
HG3 GLU C . 11.43 17.64 -0.09
CAG 2J9 D . 17.97 19.03 -17.91
CAH 2J9 D . 18.35 20.03 -16.89
CAN 2J9 D . 19.25 19.83 -18.06
NAO 2J9 D . 20.55 19.19 -17.79
CAI 2J9 D . 20.73 18.07 -18.69
NAJ 2J9 D . 21.64 17.02 -18.21
SAP 2J9 D . 23.20 17.63 -17.93
OAA 2J9 D . 23.94 16.75 -17.05
OAB 2J9 D . 23.79 18.03 -19.27
CAM 2J9 D . 22.89 19.13 -17.07
CAL 2J9 D . 21.63 19.75 -17.12
CAE 2J9 D . 21.47 20.95 -16.42
CAD 2J9 D . 22.53 21.51 -15.74
CAK 2J9 D . 23.75 20.89 -15.72
FAC 2J9 D . 24.77 21.45 -15.05
CAF 2J9 D . 23.95 19.70 -16.38
H1 2J9 D . 18.00 18.09 -17.66
H2 2J9 D . 17.21 19.23 -18.48
H3 2J9 D . 17.83 20.86 -16.83
H4 2J9 D . 18.63 19.71 -16.02
H5 2J9 D . 19.27 20.49 -18.77
H6 2J9 D . 21.06 18.38 -19.56
H7 2J9 D . 19.87 17.66 -18.89
H8 2J9 D . 21.34 16.58 -17.49
H9 2J9 D . 20.65 21.40 -16.40
H10 2J9 D . 22.41 22.31 -15.28
H11 2J9 D . 24.79 19.30 -16.35
CL CL E . 26.94 10.72 -13.71
CL CL F . 2.17 1.67 -4.97
NA NA G . 27.24 6.91 -6.47
N GLU H . -13.22 -17.26 4.64
CA GLU H . -14.46 -18.10 4.85
C GLU H . -14.06 -19.54 5.09
O GLU H . -12.87 -19.81 5.42
CB GLU H . -15.39 -17.97 3.65
CG GLU H . -16.18 -16.67 3.64
CD GLU H . -17.21 -16.60 4.76
OE1 GLU H . -17.60 -17.66 5.28
OE2 GLU H . -17.67 -15.46 5.10
OXT GLU H . -14.90 -20.47 5.01
H1 GLU H . -12.89 -17.01 5.43
H2 GLU H . -12.61 -17.76 4.21
H3 GLU H . -13.42 -16.54 4.16
HA GLU H . -14.96 -17.77 5.61
HB2 GLU H . -14.87 -18.02 2.84
HB3 GLU H . -16.03 -18.71 3.67
HG2 GLU H . -15.57 -15.93 3.75
HG3 GLU H . -16.66 -16.60 2.79
CAG 2J9 I . -9.70 -15.17 21.12
CAH 2J9 I . -8.93 -14.03 20.55
CAN 2J9 I . -9.68 -14.92 19.61
NAO 2J9 I . -8.91 -15.82 18.78
CAI 2J9 I . -9.41 -17.21 18.85
NAJ 2J9 I . -8.38 -18.21 18.54
SAP 2J9 I . -7.85 -18.03 16.92
OAA 2J9 I . -6.61 -18.75 16.75
OAB 2J9 I . -8.99 -18.37 16.01
CAM 2J9 I . -7.62 -16.30 16.78
CAL 2J9 I . -8.17 -15.40 17.68
CAE 2J9 I . -7.92 -14.05 17.47
CAD 2J9 I . -7.20 -13.59 16.40
CAK 2J9 I . -6.65 -14.50 15.48
FAC 2J9 I . -5.91 -14.12 14.41
CAF 2J9 I . -6.86 -15.85 15.67
H1 2J9 I . -9.20 -15.91 21.50
H2 2J9 I . -10.50 -14.97 21.64
H3 2J9 I . -9.25 -13.12 20.70
H4 2J9 I . -7.96 -14.07 20.56
H5 2J9 I . -10.49 -14.58 19.20
H6 2J9 I . -10.16 -17.33 18.25
H7 2J9 I . -9.76 -17.39 19.74
H8 2J9 I . -7.69 -18.21 19.10
H9 2J9 I . -8.26 -13.41 18.06
H10 2J9 I . -7.05 -12.68 16.28
H11 2J9 I . -6.49 -16.46 15.07
CL CL J . -0.98 -23.94 16.68
CL CL K . -5.85 -24.53 -10.89
NA NA L . -6.37 -30.20 13.93
NA NA M . 11.20 -18.06 10.27
#